data_4KY1
#
_entry.id   4KY1
#
_cell.length_a   82.010
_cell.length_b   100.902
_cell.length_c   140.188
_cell.angle_alpha   90.000
_cell.angle_beta   90.000
_cell.angle_gamma   90.000
#
_symmetry.space_group_name_H-M   'I 2 2 2'
#
loop_
_entity.id
_entity.type
_entity.pdbx_description
1 polymer 'IMMUNOGLOBULIN IGG1 FAB, LIGHT CHAIN'
2 polymer 'IMMUNOGLOBULIN IGG1 FAB, HEAVY CHAIN'
#
loop_
_entity_poly.entity_id
_entity_poly.type
_entity_poly.pdbx_seq_one_letter_code
_entity_poly.pdbx_strand_id
1 'polypeptide(L)'
;DIVMTQSPDSLAVSLGERATINCKASQSVTNDVAWYQQKPGQPPKLLIYYASNRYTGVPDRFSGSGSGTDFTLTISSLQA
EDVAVYYCQQDYSSPYTFGQGTKVEIKRTVAAPSVFIFPPSDEQLKSGTASVVCLLNNFYPREAKVQWKVDNALQSGNSQ
ESVTEQDSKDSTYSLSSTLTLSKADYEKHKVYACEVTHQGLSSPVTKSFNRGE
;
L
2 'polypeptide(L)'
;VQLVQSGAEVKKPGATVKISCKSSGYNIKDVYMHWVQQAPGKGLEWMGRIDPASGDTKYDPKFQVRVTITADTSTDTAYM
ELSSLRSEDTAVYYCATGMWVSTGYALDFWGQGTLVTVSSASTKGPSVFPLAPSSKSTSGGTAALGCLVKDYFPEPVTVS
WNSGALTSGVHTFPAVLQSSGLYSLSSVVTVPSSSLGTQTYICNVNHKPSNTKVDKKVEP
;
H
#
# COMPACT_ATOMS: atom_id res chain seq x y z
N ASP A 1 -10.62 -11.70 -20.98
CA ASP A 1 -10.48 -11.55 -22.47
C ASP A 1 -11.32 -10.39 -23.01
N ILE A 2 -12.28 -9.92 -22.22
CA ILE A 2 -12.77 -8.54 -22.32
C ILE A 2 -11.89 -7.67 -21.41
N VAL A 3 -11.48 -6.51 -21.93
CA VAL A 3 -10.54 -5.65 -21.24
C VAL A 3 -11.25 -4.37 -20.87
N MET A 4 -11.18 -4.04 -19.58
CA MET A 4 -11.80 -2.86 -19.01
C MET A 4 -10.75 -1.81 -18.78
N THR A 5 -10.67 -0.82 -19.65
CA THR A 5 -9.74 0.29 -19.44
C THR A 5 -10.51 1.47 -18.87
N GLN A 6 -10.15 1.86 -17.66
CA GLN A 6 -10.69 3.09 -17.06
C GLN A 6 -9.69 4.23 -17.03
N SER A 7 -10.21 5.45 -17.13
CA SER A 7 -9.42 6.67 -16.99
C SER A 7 -10.22 7.77 -16.30
N PRO A 8 -9.53 8.70 -15.64
CA PRO A 8 -8.09 8.78 -15.54
C PRO A 8 -7.53 7.70 -14.64
N ASP A 9 -6.20 7.59 -14.63
CA ASP A 9 -5.49 6.77 -13.64
C ASP A 9 -5.48 7.41 -12.26
N SER A 10 -5.49 8.75 -12.17
CA SER A 10 -5.55 9.47 -10.88
C SER A 10 -6.40 10.72 -11.01
N LEU A 11 -7.27 10.94 -10.05
CA LEU A 11 -8.18 12.08 -10.05
C LEU A 11 -8.00 12.87 -8.75
N ALA A 12 -7.88 14.18 -8.86
CA ALA A 12 -7.74 15.07 -7.69
C ALA A 12 -8.84 16.10 -7.74
N VAL A 13 -9.78 16.06 -6.81
CA VAL A 13 -10.85 17.06 -6.78
C VAL A 13 -11.02 17.71 -5.41
N SER A 14 -11.21 19.02 -5.43
CA SER A 14 -11.46 19.81 -4.22
C SER A 14 -12.65 19.23 -3.40
N LEU A 15 -12.65 19.46 -2.09
CA LEU A 15 -13.78 19.00 -1.25
C LEU A 15 -15.07 19.61 -1.75
N GLY A 16 -16.01 18.74 -2.13
CA GLY A 16 -17.32 19.16 -2.64
C GLY A 16 -17.43 19.33 -4.15
N GLU A 17 -16.34 19.14 -4.90
CA GLU A 17 -16.43 19.20 -6.35
C GLU A 17 -16.97 17.85 -6.83
N ARG A 18 -17.27 17.80 -8.13
CA ARG A 18 -17.70 16.58 -8.83
C ARG A 18 -16.49 15.70 -9.19
N ALA A 19 -16.75 14.41 -9.33
CA ALA A 19 -15.72 13.43 -9.63
C ALA A 19 -16.21 12.50 -10.74
N THR A 20 -15.56 12.57 -11.91
CA THR A 20 -15.92 11.72 -13.05
C THR A 20 -14.82 10.72 -13.34
N ILE A 21 -15.09 9.44 -13.09
CA ILE A 21 -14.28 8.34 -13.62
C ILE A 21 -15.10 7.78 -14.72
N ASN A 22 -14.45 7.27 -15.76
CA ASN A 22 -15.18 6.40 -16.66
C ASN A 22 -14.33 5.24 -17.14
N CYS A 23 -15.01 4.29 -17.78
CA CYS A 23 -14.53 2.97 -18.11
C CYS A 23 -14.90 2.62 -19.54
N LYS A 24 -13.95 2.02 -20.25
CA LYS A 24 -14.20 1.60 -21.61
C LYS A 24 -13.95 0.09 -21.66
N ALA A 25 -14.97 -0.63 -22.14
CA ALA A 25 -14.89 -2.08 -22.32
C ALA A 25 -14.49 -2.37 -23.76
N SER A 26 -13.69 -3.41 -23.96
CA SER A 26 -13.10 -3.71 -25.27
C SER A 26 -14.10 -4.26 -26.28
N GLN A 27 -15.34 -4.43 -25.82
CA GLN A 27 -16.33 -5.31 -26.42
C GLN A 27 -17.69 -4.97 -25.77
N SER A 28 -18.76 -4.87 -26.55
CA SER A 28 -20.03 -4.47 -26.00
C SER A 28 -20.43 -5.41 -24.86
N VAL A 29 -20.85 -4.80 -23.74
CA VAL A 29 -21.01 -5.49 -22.46
C VAL A 29 -22.40 -5.28 -21.84
N THR A 30 -23.30 -4.60 -22.57
CA THR A 30 -24.67 -4.37 -22.13
C THR A 30 -24.72 -3.56 -20.82
N ASN A 31 -25.38 -4.06 -19.78
CA ASN A 31 -25.56 -3.31 -18.55
C ASN A 31 -24.81 -3.99 -17.42
N ASP A 32 -23.94 -4.90 -17.79
CA ASP A 32 -23.46 -5.90 -16.86
C ASP A 32 -22.09 -5.46 -16.27
N VAL A 33 -22.14 -4.39 -15.49
CA VAL A 33 -20.93 -3.75 -14.95
C VAL A 33 -21.17 -3.31 -13.52
N ALA A 34 -20.21 -3.53 -12.62
CA ALA A 34 -20.26 -2.93 -11.30
C ALA A 34 -19.08 -2.02 -11.05
N TRP A 35 -19.26 -1.08 -10.12
CA TRP A 35 -18.16 -0.32 -9.55
C TRP A 35 -17.96 -0.67 -8.08
N TYR A 36 -16.70 -0.59 -7.65
CA TYR A 36 -16.32 -0.79 -6.27
C TYR A 36 -15.37 0.29 -5.76
N GLN A 37 -15.32 0.41 -4.44
CA GLN A 37 -14.45 1.37 -3.79
C GLN A 37 -13.58 0.64 -2.80
N GLN A 38 -12.27 0.85 -2.87
CA GLN A 38 -11.38 0.27 -1.89
C GLN A 38 -10.51 1.31 -1.24
N LYS A 39 -10.30 1.14 0.06
CA LYS A 39 -9.44 1.99 0.87
C LYS A 39 -8.29 1.18 1.47
N PRO A 40 -7.19 1.87 1.82
CA PRO A 40 -5.99 1.16 2.25
C PRO A 40 -6.27 0.19 3.39
N GLY A 41 -5.92 -1.08 3.21
CA GLY A 41 -6.14 -2.05 4.26
C GLY A 41 -7.46 -2.74 4.04
N GLN A 42 -8.54 -1.97 3.98
CA GLN A 42 -9.91 -2.53 3.90
C GLN A 42 -10.15 -3.38 2.62
N PRO A 43 -10.98 -4.43 2.71
CA PRO A 43 -11.49 -5.01 1.48
C PRO A 43 -12.40 -4.04 0.74
N PRO A 44 -12.61 -4.24 -0.57
CA PRO A 44 -13.50 -3.43 -1.40
C PRO A 44 -14.96 -3.39 -0.98
N LYS A 45 -15.65 -2.40 -1.52
CA LYS A 45 -17.06 -2.21 -1.28
C LYS A 45 -17.79 -2.09 -2.62
N LEU A 46 -18.94 -2.74 -2.76
CA LEU A 46 -19.74 -2.58 -3.98
C LEU A 46 -20.53 -1.26 -3.91
N LEU A 47 -20.47 -0.44 -4.95
CA LEU A 47 -21.28 0.78 -4.98
C LEU A 47 -22.43 0.73 -5.99
N ILE A 48 -22.11 0.38 -7.23
CA ILE A 48 -23.15 0.25 -8.27
C ILE A 48 -23.03 -1.12 -8.91
N TYR A 49 -24.20 -1.72 -9.18
CA TYR A 49 -24.29 -2.97 -9.97
C TYR A 49 -25.27 -2.77 -11.09
N TYR A 50 -25.07 -3.55 -12.15
CA TYR A 50 -25.93 -3.46 -13.33
C TYR A 50 -25.91 -2.01 -13.83
N ALA A 51 -24.71 -1.44 -13.88
CA ALA A 51 -24.43 -0.18 -14.55
C ALA A 51 -24.93 1.10 -13.92
N SER A 52 -25.94 0.99 -13.05
CA SER A 52 -26.58 2.20 -12.52
C SER A 52 -27.53 1.97 -11.37
N ASN A 53 -27.28 0.98 -10.53
CA ASN A 53 -28.17 0.66 -9.40
C ASN A 53 -27.38 0.75 -8.11
N ARG A 54 -27.68 1.74 -7.27
CA ARG A 54 -26.98 1.88 -6.01
C ARG A 54 -27.24 0.70 -5.09
N TYR A 55 -26.20 -0.01 -4.65
CA TYR A 55 -26.33 -0.99 -3.58
C TYR A 55 -26.78 -0.26 -2.33
N THR A 56 -27.85 -0.74 -1.73
CA THR A 56 -28.50 -0.05 -0.61
C THR A 56 -27.47 0.32 0.44
N GLY A 57 -27.69 1.46 1.11
CA GLY A 57 -26.69 2.02 2.01
C GLY A 57 -25.71 3.00 1.37
N VAL A 58 -25.27 2.74 0.13
CA VAL A 58 -24.45 3.71 -0.63
C VAL A 58 -25.19 5.02 -0.89
N PRO A 59 -24.62 6.17 -0.51
CA PRO A 59 -25.36 7.46 -0.59
C PRO A 59 -25.47 8.08 -1.99
N ASP A 60 -26.39 9.04 -2.15
CA ASP A 60 -26.78 9.55 -3.49
C ASP A 60 -25.65 10.17 -4.31
N ARG A 61 -24.58 10.60 -3.64
CA ARG A 61 -23.43 11.22 -4.31
C ARG A 61 -23.00 10.38 -5.49
N PHE A 62 -22.96 9.07 -5.26
CA PHE A 62 -22.49 8.08 -6.21
C PHE A 62 -23.60 7.73 -7.20
N SER A 63 -23.32 7.79 -8.50
CA SER A 63 -24.27 7.31 -9.53
C SER A 63 -23.52 6.81 -10.76
N GLY A 64 -23.97 5.69 -11.30
CA GLY A 64 -23.36 5.13 -12.50
C GLY A 64 -24.26 5.20 -13.73
N SER A 65 -23.65 5.12 -14.90
CA SER A 65 -24.39 5.28 -16.15
C SER A 65 -23.72 4.63 -17.35
N GLY A 66 -24.46 4.61 -18.46
CA GLY A 66 -23.97 4.04 -19.71
C GLY A 66 -24.40 2.61 -19.90
N SER A 67 -24.45 2.18 -21.16
CA SER A 67 -24.52 0.78 -21.49
C SER A 67 -23.75 0.50 -22.77
N GLY A 68 -23.27 -0.75 -22.91
CA GLY A 68 -22.55 -1.17 -24.09
C GLY A 68 -21.08 -1.22 -23.82
N THR A 69 -20.33 -0.27 -24.37
CA THR A 69 -18.89 -0.27 -24.17
C THR A 69 -18.37 0.92 -23.41
N ASP A 70 -19.19 1.96 -23.18
CA ASP A 70 -18.72 3.19 -22.53
C ASP A 70 -19.52 3.53 -21.27
N PHE A 71 -18.88 3.42 -20.10
CA PHE A 71 -19.51 3.59 -18.74
C PHE A 71 -18.85 4.64 -17.83
N THR A 72 -19.64 5.29 -16.96
CA THR A 72 -19.09 6.29 -16.04
C THR A 72 -19.69 6.28 -14.62
N LEU A 73 -18.81 6.50 -13.63
CA LEU A 73 -19.18 6.74 -12.24
C LEU A 73 -19.01 8.20 -11.89
N THR A 74 -20.00 8.76 -11.22
CA THR A 74 -20.00 10.17 -10.85
C THR A 74 -20.01 10.34 -9.34
N ILE A 75 -19.28 11.33 -8.84
CA ILE A 75 -19.40 11.69 -7.42
C ILE A 75 -19.79 13.18 -7.26
N SER A 76 -21.06 13.48 -7.52
CA SER A 76 -21.63 14.82 -7.26
C SER A 76 -20.80 15.80 -6.39
N SER A 77 -20.55 15.45 -5.12
CA SER A 77 -19.75 16.31 -4.22
C SER A 77 -18.84 15.46 -3.31
N LEU A 78 -17.56 15.36 -3.70
CA LEU A 78 -16.61 14.52 -2.96
C LEU A 78 -16.56 14.90 -1.48
N GLN A 79 -16.26 13.94 -0.62
CA GLN A 79 -16.17 14.19 0.82
C GLN A 79 -14.93 13.49 1.30
N ALA A 80 -14.46 13.91 2.48
CA ALA A 80 -13.34 13.28 3.17
C ALA A 80 -13.30 11.74 3.01
N GLU A 81 -14.43 11.06 3.26
CA GLU A 81 -14.47 9.57 3.24
C GLU A 81 -14.46 8.92 1.86
N ASP A 82 -14.48 9.73 0.79
CA ASP A 82 -14.57 9.17 -0.56
C ASP A 82 -13.20 8.92 -1.22
N VAL A 83 -12.14 9.48 -0.63
CA VAL A 83 -10.77 9.12 -0.99
C VAL A 83 -10.57 7.59 -0.93
N ALA A 84 -10.30 7.03 -2.11
CA ALA A 84 -10.05 5.62 -2.25
C ALA A 84 -9.71 5.36 -3.71
N VAL A 85 -9.42 4.10 -4.02
CA VAL A 85 -9.24 3.69 -5.39
C VAL A 85 -10.56 3.09 -5.86
N TYR A 86 -10.93 3.43 -7.11
CA TYR A 86 -12.22 3.07 -7.71
C TYR A 86 -12.06 2.13 -8.90
N TYR A 87 -12.73 0.99 -8.82
CA TYR A 87 -12.60 -0.09 -9.76
C TYR A 87 -13.88 -0.39 -10.48
N CYS A 88 -13.69 -0.90 -11.67
CA CYS A 88 -14.70 -1.13 -12.66
C CYS A 88 -14.72 -2.63 -12.87
N GLN A 89 -15.87 -3.24 -13.01
CA GLN A 89 -15.85 -4.69 -13.24
C GLN A 89 -17.02 -5.13 -14.09
N GLN A 90 -16.72 -6.05 -15.01
CA GLN A 90 -17.64 -6.63 -15.95
C GLN A 90 -18.03 -8.04 -15.49
N ASP A 91 -19.33 -8.33 -15.49
CA ASP A 91 -19.80 -9.70 -15.20
C ASP A 91 -20.54 -10.28 -16.40
N TYR A 92 -20.36 -9.65 -17.56
CA TYR A 92 -20.95 -10.12 -18.81
C TYR A 92 -20.48 -11.51 -19.18
N SER A 93 -19.16 -11.77 -19.19
CA SER A 93 -18.67 -13.05 -19.74
C SER A 93 -17.40 -13.67 -19.15
N SER A 94 -16.98 -14.75 -19.77
CA SER A 94 -16.28 -15.87 -19.12
C SER A 94 -15.41 -15.53 -17.90
N PRO A 95 -14.35 -14.70 -18.07
CA PRO A 95 -13.57 -14.12 -16.95
C PRO A 95 -13.96 -12.67 -16.59
N TYR A 96 -14.50 -12.49 -15.38
CA TYR A 96 -15.07 -11.22 -14.94
C TYR A 96 -13.97 -10.24 -14.55
N THR A 97 -13.39 -9.65 -15.57
CA THR A 97 -12.24 -8.80 -15.47
C THR A 97 -12.54 -7.45 -14.81
N PHE A 98 -11.66 -7.01 -13.90
CA PHE A 98 -11.67 -5.63 -13.39
C PHE A 98 -10.82 -4.66 -14.24
N GLY A 99 -11.12 -3.37 -14.12
CA GLY A 99 -10.25 -2.33 -14.65
C GLY A 99 -9.06 -2.16 -13.72
N GLN A 100 -8.15 -1.25 -14.06
CA GLN A 100 -6.90 -1.10 -13.29
C GLN A 100 -7.07 -0.16 -12.11
N GLY A 101 -8.17 0.59 -12.10
CA GLY A 101 -8.54 1.41 -10.96
C GLY A 101 -8.11 2.84 -11.14
N THR A 102 -8.87 3.74 -10.53
CA THR A 102 -8.59 5.18 -10.55
C THR A 102 -8.36 5.60 -9.10
N LYS A 103 -7.27 6.29 -8.81
CA LYS A 103 -7.05 6.79 -7.44
C LYS A 103 -7.73 8.16 -7.34
N VAL A 104 -8.64 8.30 -6.36
CA VAL A 104 -9.33 9.58 -6.13
C VAL A 104 -8.86 10.17 -4.82
N GLU A 105 -8.45 11.43 -4.87
CA GLU A 105 -7.63 12.04 -3.83
C GLU A 105 -8.12 13.47 -3.67
N ILE A 106 -7.87 14.06 -2.51
CA ILE A 106 -8.36 15.41 -2.22
C ILE A 106 -7.40 16.39 -2.84
N LYS A 107 -7.94 17.34 -3.59
CA LYS A 107 -7.13 18.43 -4.09
C LYS A 107 -6.90 19.40 -2.94
N ARG A 108 -5.72 19.97 -2.94
CA ARG A 108 -5.26 20.75 -1.86
C ARG A 108 -4.55 21.91 -2.54
N THR A 109 -4.28 22.97 -1.80
CA THR A 109 -3.40 23.99 -2.34
C THR A 109 -2.08 23.27 -2.57
N VAL A 110 -1.24 23.72 -3.50
CA VAL A 110 0.13 23.15 -3.57
C VAL A 110 0.92 23.47 -2.29
N ALA A 111 1.85 22.58 -1.93
CA ALA A 111 2.84 22.79 -0.84
C ALA A 111 4.13 21.97 -1.10
N ALA A 112 5.27 22.66 -0.99
CA ALA A 112 6.56 22.02 -1.21
C ALA A 112 6.84 21.24 0.03
N PRO A 113 7.79 20.29 -0.05
CA PRO A 113 8.14 19.52 1.11
C PRO A 113 9.11 20.29 1.99
N SER A 114 9.30 19.81 3.20
CA SER A 114 10.39 20.27 4.02
C SER A 114 11.35 19.14 3.90
N VAL A 115 12.59 19.41 3.48
CA VAL A 115 13.59 18.37 3.30
C VAL A 115 14.52 18.28 4.50
N PHE A 116 14.76 17.05 4.95
CA PHE A 116 15.71 16.78 6.03
C PHE A 116 16.63 15.63 5.63
N ILE A 117 17.88 15.68 6.12
CA ILE A 117 18.88 14.67 5.76
C ILE A 117 19.47 14.09 7.02
N PHE A 118 19.68 12.78 7.01
CA PHE A 118 20.18 12.06 8.20
C PHE A 118 21.44 11.29 7.81
N PRO A 119 22.51 11.42 8.63
CA PRO A 119 23.70 10.65 8.33
C PRO A 119 23.54 9.33 9.04
N PRO A 120 24.38 8.35 8.73
CA PRO A 120 24.28 7.04 9.37
C PRO A 120 24.76 7.04 10.83
N SER A 121 24.16 6.19 11.65
CA SER A 121 24.59 6.07 13.05
C SER A 121 25.95 5.40 13.09
N ASP A 122 26.79 5.79 14.03
CA ASP A 122 27.99 5.02 14.29
C ASP A 122 27.55 3.60 14.65
N GLU A 123 26.39 3.50 15.31
CA GLU A 123 25.82 2.22 15.70
C GLU A 123 25.68 1.24 14.53
N GLN A 124 25.27 1.74 13.36
CA GLN A 124 25.15 0.92 12.15
C GLN A 124 26.49 0.68 11.44
N LEU A 125 27.39 1.67 11.47
CA LEU A 125 28.66 1.56 10.74
C LEU A 125 29.48 0.38 11.18
N LYS A 126 29.19 -0.14 12.37
CA LYS A 126 29.87 -1.32 12.90
C LYS A 126 29.57 -2.56 12.07
N SER A 127 28.31 -2.72 11.66
CA SER A 127 27.90 -3.82 10.78
C SER A 127 28.49 -3.70 9.36
N GLY A 128 28.97 -2.52 8.97
CA GLY A 128 29.72 -2.39 7.73
C GLY A 128 28.90 -1.91 6.55
N THR A 129 27.83 -1.16 6.83
CA THR A 129 27.02 -0.56 5.77
C THR A 129 26.45 0.74 6.26
N ALA A 130 26.32 1.69 5.33
CA ALA A 130 25.85 3.04 5.62
C ALA A 130 24.55 3.33 4.87
N SER A 131 23.51 3.66 5.62
CA SER A 131 22.27 4.16 5.03
C SER A 131 22.14 5.67 5.31
N VAL A 132 22.13 6.45 4.23
CA VAL A 132 21.87 7.88 4.27
C VAL A 132 20.40 8.07 3.92
N VAL A 133 19.69 8.91 4.68
CA VAL A 133 18.23 9.01 4.52
C VAL A 133 17.76 10.41 4.31
N CYS A 134 17.02 10.62 3.23
CA CYS A 134 16.50 11.91 2.88
C CYS A 134 15.01 11.83 3.05
N LEU A 135 14.43 12.82 3.71
CA LEU A 135 12.99 12.82 4.04
C LEU A 135 12.33 14.08 3.55
N LEU A 136 11.41 13.99 2.61
CA LEU A 136 10.60 15.15 2.24
C LEU A 136 9.26 14.98 2.88
N ASN A 137 8.95 15.73 3.93
CA ASN A 137 7.63 15.51 4.52
C ASN A 137 6.67 16.68 4.27
N ASN A 138 5.38 16.33 4.20
CA ASN A 138 4.23 17.24 4.00
C ASN A 138 4.27 18.05 2.74
N PHE A 139 4.07 17.38 1.61
CA PHE A 139 3.98 18.09 0.34
C PHE A 139 2.71 17.65 -0.37
N TYR A 140 2.31 18.46 -1.35
CA TYR A 140 1.26 18.13 -2.29
C TYR A 140 1.53 18.92 -3.58
N PRO A 141 1.43 18.24 -4.74
CA PRO A 141 1.00 16.88 -4.97
C PRO A 141 2.12 15.85 -4.80
N ARG A 142 1.79 14.58 -4.96
CA ARG A 142 2.73 13.49 -4.81
C ARG A 142 3.88 13.54 -5.79
N GLU A 143 3.64 14.01 -7.02
CA GLU A 143 4.70 13.95 -8.00
C GLU A 143 5.94 14.73 -7.49
N ALA A 144 6.99 14.00 -7.13
CA ALA A 144 8.25 14.60 -6.67
C ALA A 144 9.46 13.81 -7.19
N LYS A 145 10.52 14.53 -7.55
CA LYS A 145 11.78 13.92 -8.01
C LYS A 145 12.85 14.08 -6.93
N VAL A 146 13.70 13.07 -6.75
CA VAL A 146 14.76 13.13 -5.74
C VAL A 146 16.02 12.45 -6.20
N GLN A 147 17.12 13.20 -6.28
CA GLN A 147 18.38 12.64 -6.76
C GLN A 147 19.41 12.69 -5.65
N TRP A 148 20.13 11.58 -5.49
CA TRP A 148 21.27 11.49 -4.60
C TRP A 148 22.55 11.88 -5.32
N LYS A 149 23.44 12.57 -4.60
CA LYS A 149 24.80 12.89 -5.09
C LYS A 149 25.83 12.71 -4.00
N VAL A 150 26.85 11.90 -4.26
CA VAL A 150 27.96 11.74 -3.35
C VAL A 150 29.20 12.35 -3.97
N ASP A 151 29.64 13.46 -3.38
CA ASP A 151 30.74 14.29 -3.90
C ASP A 151 30.51 14.73 -5.34
N ASN A 152 29.30 15.23 -5.60
CA ASN A 152 28.89 15.68 -6.94
C ASN A 152 28.56 14.58 -7.96
N ALA A 153 28.76 13.31 -7.59
CA ALA A 153 28.53 12.19 -8.51
C ALA A 153 27.09 11.66 -8.40
N LEU A 154 26.25 11.98 -9.39
CA LEU A 154 24.89 11.43 -9.49
C LEU A 154 24.88 9.93 -9.17
N GLN A 155 24.23 9.53 -8.08
CA GLN A 155 24.10 8.11 -7.78
C GLN A 155 22.98 7.51 -8.63
N SER A 156 23.06 6.22 -8.95
CA SER A 156 22.06 5.64 -9.81
C SER A 156 21.26 4.47 -9.21
N GLY A 157 21.88 3.28 -9.12
CA GLY A 157 21.11 2.08 -8.78
C GLY A 157 20.99 1.77 -7.30
N ASN A 158 21.50 2.67 -6.46
CA ASN A 158 21.79 2.33 -5.06
C ASN A 158 20.92 3.06 -4.03
N SER A 159 19.64 3.23 -4.33
CA SER A 159 18.71 3.83 -3.36
C SER A 159 17.29 3.48 -3.67
N GLN A 160 16.44 3.66 -2.65
CA GLN A 160 15.04 3.23 -2.65
C GLN A 160 14.10 4.23 -1.97
N GLU A 161 12.86 4.29 -2.47
CA GLU A 161 11.87 5.26 -2.01
C GLU A 161 10.69 4.60 -1.31
N SER A 162 9.98 5.38 -0.47
CA SER A 162 8.70 4.97 0.09
C SER A 162 7.83 6.20 0.29
N VAL A 163 6.52 6.02 0.13
CA VAL A 163 5.59 7.14 0.15
C VAL A 163 4.35 6.82 0.97
N THR A 164 3.92 7.76 1.79
CA THR A 164 2.74 7.58 2.62
C THR A 164 1.44 7.68 1.83
N GLU A 165 0.36 7.32 2.51
CA GLU A 165 -0.98 7.53 1.99
C GLU A 165 -1.22 8.99 2.30
N GLN A 166 -2.13 9.64 1.58
CA GLN A 166 -2.49 11.02 1.84
C GLN A 166 -2.98 11.18 3.27
N ASP A 167 -2.61 12.27 3.94
CA ASP A 167 -2.98 12.49 5.35
C ASP A 167 -4.44 12.88 5.62
N SER A 168 -5.01 12.39 6.72
CA SER A 168 -6.43 12.62 7.03
C SER A 168 -6.72 14.09 7.27
N LYS A 169 -5.91 14.75 8.09
CA LYS A 169 -6.10 16.20 8.32
C LYS A 169 -5.50 17.02 7.17
N ASP A 170 -4.19 16.86 6.97
CA ASP A 170 -3.41 17.70 6.06
C ASP A 170 -3.76 17.52 4.60
N SER A 171 -4.20 16.33 4.22
CA SER A 171 -4.33 15.98 2.82
C SER A 171 -2.99 16.05 2.05
N THR A 172 -1.88 15.83 2.77
CA THR A 172 -0.51 15.90 2.24
C THR A 172 0.22 14.54 2.19
N TYR A 173 1.36 14.49 1.48
CA TYR A 173 2.16 13.25 1.32
C TYR A 173 3.53 13.43 1.91
N SER A 174 4.07 12.38 2.52
CA SER A 174 5.47 12.37 2.88
C SER A 174 6.21 11.23 2.21
N LEU A 175 7.48 11.49 1.90
CA LEU A 175 8.35 10.59 1.16
C LEU A 175 9.71 10.50 1.80
N SER A 176 10.29 9.29 1.87
CA SER A 176 11.69 9.09 2.24
C SER A 176 12.47 8.33 1.15
N SER A 177 13.70 8.77 0.85
CA SER A 177 14.63 8.02 -0.01
C SER A 177 15.83 7.55 0.81
N THR A 178 16.25 6.30 0.66
CA THR A 178 17.38 5.73 1.39
C THR A 178 18.49 5.26 0.47
N LEU A 179 19.63 5.94 0.57
CA LEU A 179 20.86 5.56 -0.13
C LEU A 179 21.66 4.55 0.71
N THR A 180 21.80 3.33 0.21
CA THR A 180 22.66 2.33 0.84
C THR A 180 24.02 2.29 0.15
N LEU A 181 25.07 2.32 0.92
CA LEU A 181 26.40 1.99 0.40
C LEU A 181 27.24 1.40 1.55
N SER A 182 28.38 0.79 1.22
CA SER A 182 29.25 0.12 2.20
C SER A 182 30.02 1.10 3.08
N LYS A 183 30.53 0.60 4.21
CA LYS A 183 31.32 1.43 5.14
C LYS A 183 32.54 2.02 4.43
N ALA A 184 33.17 1.24 3.56
CA ALA A 184 34.33 1.70 2.84
C ALA A 184 33.90 2.88 2.00
N ASP A 185 32.96 2.66 1.09
CA ASP A 185 32.53 3.74 0.22
C ASP A 185 32.17 4.95 1.04
N TYR A 186 31.47 4.75 2.13
CA TYR A 186 31.05 5.89 2.93
C TYR A 186 32.25 6.62 3.51
N GLU A 187 33.23 5.89 4.01
CA GLU A 187 34.38 6.53 4.61
C GLU A 187 35.32 7.19 3.61
N LYS A 188 35.34 6.74 2.35
CA LYS A 188 36.22 7.35 1.32
C LYS A 188 35.69 8.72 0.85
N HIS A 189 34.38 8.80 0.66
CA HIS A 189 33.74 10.03 0.20
C HIS A 189 33.40 11.01 1.32
N LYS A 190 32.99 12.22 0.98
CA LYS A 190 32.87 13.30 1.97
C LYS A 190 31.56 14.06 1.98
N VAL A 191 31.12 14.59 0.85
CA VAL A 191 29.83 15.32 0.82
C VAL A 191 28.67 14.43 0.37
N TYR A 192 27.65 14.32 1.23
CA TYR A 192 26.44 13.57 0.93
C TYR A 192 25.23 14.49 0.86
N ALA A 193 24.63 14.59 -0.33
CA ALA A 193 23.52 15.50 -0.57
C ALA A 193 22.39 14.84 -1.33
N CYS A 194 21.15 15.06 -0.88
CA CYS A 194 19.99 14.79 -1.73
C CYS A 194 19.46 16.12 -2.23
N GLU A 195 18.87 16.08 -3.42
CA GLU A 195 18.40 17.27 -4.09
C GLU A 195 16.98 16.99 -4.55
N VAL A 196 16.03 17.88 -4.23
CA VAL A 196 14.61 17.62 -4.45
C VAL A 196 13.95 18.63 -5.41
N THR A 197 13.15 18.12 -6.35
CA THR A 197 12.48 18.93 -7.36
C THR A 197 10.99 18.73 -7.22
N HIS A 198 10.21 19.80 -7.19
CA HIS A 198 8.79 19.70 -6.92
C HIS A 198 8.09 20.95 -7.39
N GLN A 199 6.83 20.79 -7.76
CA GLN A 199 5.99 21.92 -8.19
C GLN A 199 6.13 23.15 -7.33
N GLY A 200 5.86 22.97 -6.03
CA GLY A 200 5.89 24.07 -5.07
C GLY A 200 7.23 24.70 -4.83
N LEU A 201 8.30 24.05 -5.28
CA LEU A 201 9.64 24.64 -5.19
C LEU A 201 9.89 25.46 -6.46
N SER A 202 10.45 26.65 -6.28
CA SER A 202 10.68 27.52 -7.42
C SER A 202 11.96 27.14 -8.10
N SER A 203 12.78 26.36 -7.44
CA SER A 203 13.91 25.71 -8.08
C SER A 203 14.50 24.77 -7.03
N PRO A 204 15.19 23.72 -7.49
CA PRO A 204 15.49 22.58 -6.61
C PRO A 204 16.16 22.94 -5.28
N VAL A 205 15.76 22.26 -4.23
CA VAL A 205 16.35 22.43 -2.91
C VAL A 205 17.28 21.27 -2.60
N THR A 206 18.53 21.58 -2.27
CA THR A 206 19.53 20.58 -1.87
C THR A 206 19.76 20.63 -0.36
N LYS A 207 19.68 19.46 0.26
CA LYS A 207 20.12 19.29 1.61
C LYS A 207 21.29 18.31 1.60
N SER A 208 22.31 18.66 2.38
CA SER A 208 23.59 18.04 2.31
C SER A 208 24.34 18.10 3.64
N PHE A 209 25.18 17.10 3.89
CA PHE A 209 26.13 17.16 4.98
C PHE A 209 27.42 16.66 4.44
N ASN A 210 28.52 17.08 5.08
CA ASN A 210 29.85 16.52 4.91
C ASN A 210 30.14 15.63 6.14
N ARG A 211 30.58 14.41 5.88
CA ARG A 211 30.77 13.36 6.90
C ARG A 211 31.50 13.86 8.12
N GLY A 212 32.76 14.24 7.95
CA GLY A 212 33.54 14.76 9.05
C GLY A 212 33.02 16.07 9.62
N GLU A 213 31.99 16.63 8.98
CA GLU A 213 31.43 17.91 9.37
C GLU A 213 32.60 18.90 9.33
N VAL B 1 -24.08 -12.02 8.81
CA VAL B 1 -23.41 -12.44 7.53
C VAL B 1 -21.92 -12.04 7.46
N GLN B 2 -21.01 -13.01 7.49
CA GLN B 2 -19.59 -12.67 7.33
C GLN B 2 -18.77 -13.78 6.69
N LEU B 3 -17.75 -13.34 5.94
CA LEU B 3 -16.72 -14.20 5.42
C LEU B 3 -15.46 -13.96 6.24
N VAL B 4 -14.95 -15.02 6.82
CA VAL B 4 -13.75 -14.95 7.63
C VAL B 4 -12.71 -15.82 6.94
N GLN B 5 -11.60 -15.21 6.55
CA GLN B 5 -10.54 -15.93 5.88
C GLN B 5 -9.49 -16.39 6.86
N SER B 6 -8.64 -17.30 6.41
CA SER B 6 -7.55 -17.78 7.22
C SER B 6 -6.40 -16.77 7.22
N GLY B 7 -5.44 -17.03 8.13
CA GLY B 7 -4.39 -16.08 8.51
C GLY B 7 -3.28 -15.93 7.49
N ALA B 8 -2.37 -14.97 7.73
CA ALA B 8 -1.31 -14.68 6.75
C ALA B 8 -0.38 -15.88 6.69
N GLU B 9 0.21 -16.13 5.53
CA GLU B 9 1.14 -17.26 5.41
C GLU B 9 2.49 -16.82 4.88
N VAL B 10 3.52 -17.60 5.19
CA VAL B 10 4.85 -17.36 4.67
C VAL B 10 5.31 -18.69 4.20
N LYS B 11 5.72 -18.72 2.93
CA LYS B 11 5.82 -19.95 2.17
C LYS B 11 7.11 -19.93 1.35
N LYS B 12 7.84 -21.04 1.30
CA LYS B 12 9.09 -21.10 0.51
C LYS B 12 8.68 -21.20 -0.94
N PRO B 13 9.53 -20.79 -1.88
CA PRO B 13 9.22 -20.99 -3.31
C PRO B 13 9.03 -22.45 -3.65
N GLY B 14 8.06 -22.77 -4.51
CA GLY B 14 7.84 -24.18 -4.91
C GLY B 14 6.93 -24.97 -3.97
N ALA B 15 6.64 -24.38 -2.81
CA ALA B 15 5.61 -24.89 -1.92
C ALA B 15 4.21 -24.72 -2.53
N THR B 16 3.21 -25.11 -1.75
CA THR B 16 1.82 -25.04 -2.13
C THR B 16 1.07 -24.47 -0.92
N VAL B 17 0.05 -23.65 -1.15
CA VAL B 17 -0.82 -23.17 -0.07
C VAL B 17 -2.25 -23.42 -0.35
N LYS B 18 -3.01 -23.57 0.72
CA LYS B 18 -4.44 -23.64 0.68
C LYS B 18 -4.96 -22.61 1.66
N ILE B 19 -5.40 -21.45 1.18
CA ILE B 19 -6.18 -20.49 1.98
C ILE B 19 -7.64 -20.96 2.04
N SER B 20 -8.27 -20.81 3.20
CA SER B 20 -9.69 -21.09 3.38
C SER B 20 -10.44 -19.79 3.53
N CYS B 21 -11.75 -19.91 3.71
CA CYS B 21 -12.62 -18.77 3.85
C CYS B 21 -13.97 -19.32 4.22
N LYS B 22 -14.44 -18.99 5.42
CA LYS B 22 -15.62 -19.63 5.99
C LYS B 22 -16.77 -18.64 6.02
N SER B 23 -17.99 -19.15 5.83
CA SER B 23 -19.19 -18.31 5.71
C SER B 23 -20.19 -18.59 6.76
N SER B 24 -20.48 -17.56 7.53
CA SER B 24 -21.68 -17.57 8.37
C SER B 24 -22.80 -16.79 7.72
N GLY B 25 -24.03 -17.15 8.07
CA GLY B 25 -25.18 -16.26 7.88
C GLY B 25 -26.06 -16.49 6.67
N TYR B 26 -25.58 -17.26 5.72
CA TYR B 26 -26.34 -17.51 4.49
C TYR B 26 -25.97 -18.85 3.89
N ASN B 27 -26.77 -19.28 2.93
CA ASN B 27 -26.57 -20.58 2.34
C ASN B 27 -25.54 -20.55 1.21
N ILE B 28 -24.30 -20.89 1.59
CA ILE B 28 -23.15 -21.02 0.67
C ILE B 28 -23.56 -21.55 -0.73
N LYS B 29 -24.32 -22.64 -0.75
CA LYS B 29 -24.66 -23.39 -1.96
C LYS B 29 -25.63 -22.67 -2.91
N ASP B 30 -26.17 -21.53 -2.51
CA ASP B 30 -27.13 -20.80 -3.35
C ASP B 30 -26.47 -19.75 -4.24
N VAL B 31 -25.19 -19.46 -4.00
CA VAL B 31 -24.53 -18.36 -4.66
C VAL B 31 -23.10 -18.69 -5.03
N TYR B 32 -22.48 -17.81 -5.80
CA TYR B 32 -21.14 -18.04 -6.26
C TYR B 32 -20.12 -17.56 -5.23
N MET B 33 -18.92 -18.10 -5.30
CA MET B 33 -17.81 -17.64 -4.50
C MET B 33 -16.68 -17.31 -5.46
N HIS B 34 -16.15 -16.09 -5.34
CA HIS B 34 -15.07 -15.67 -6.21
C HIS B 34 -13.84 -15.43 -5.38
N TRP B 35 -12.68 -15.77 -5.91
CA TRP B 35 -11.40 -15.39 -5.32
C TRP B 35 -10.74 -14.31 -6.19
N VAL B 36 -10.07 -13.37 -5.54
CA VAL B 36 -9.40 -12.25 -6.19
C VAL B 36 -8.05 -12.03 -5.54
N GLN B 37 -7.12 -11.55 -6.36
CA GLN B 37 -5.74 -11.33 -5.97
C GLN B 37 -5.40 -9.86 -6.07
N GLN B 38 -4.65 -9.36 -5.09
CA GLN B 38 -4.13 -7.99 -5.11
C GLN B 38 -2.65 -7.89 -4.73
N ALA B 39 -1.80 -7.90 -5.77
CA ALA B 39 -0.34 -7.69 -5.65
C ALA B 39 -0.06 -6.34 -5.01
N PRO B 40 0.93 -6.30 -4.11
CA PRO B 40 1.34 -5.10 -3.41
C PRO B 40 1.27 -3.85 -4.27
N GLY B 41 0.36 -2.95 -3.93
CA GLY B 41 0.18 -1.72 -4.65
C GLY B 41 -0.27 -1.85 -6.10
N LYS B 42 -0.87 -2.98 -6.47
CA LYS B 42 -1.47 -3.12 -7.79
C LYS B 42 -2.99 -3.27 -7.63
N GLY B 43 -3.68 -3.33 -8.76
CA GLY B 43 -5.12 -3.50 -8.79
C GLY B 43 -5.58 -4.90 -8.41
N LEU B 44 -6.89 -5.02 -8.27
CA LEU B 44 -7.53 -6.31 -8.05
C LEU B 44 -7.56 -7.00 -9.40
N GLU B 45 -7.47 -8.32 -9.35
CA GLU B 45 -7.46 -9.14 -10.53
C GLU B 45 -8.21 -10.43 -10.19
N TRP B 46 -9.19 -10.76 -11.03
CA TRP B 46 -10.13 -11.84 -10.81
C TRP B 46 -9.46 -13.14 -11.12
N MET B 47 -9.40 -14.02 -10.12
CA MET B 47 -8.80 -15.32 -10.32
C MET B 47 -9.76 -16.37 -10.90
N GLY B 48 -10.85 -16.64 -10.15
CA GLY B 48 -11.88 -17.60 -10.55
C GLY B 48 -13.08 -17.71 -9.59
N ARG B 49 -14.16 -18.33 -10.07
CA ARG B 49 -15.42 -18.50 -9.33
C ARG B 49 -15.56 -19.97 -9.06
N ILE B 50 -16.40 -20.32 -8.07
CA ILE B 50 -16.87 -21.72 -7.85
C ILE B 50 -18.35 -21.79 -7.45
N ASP B 51 -19.06 -22.78 -7.96
CA ASP B 51 -20.44 -23.03 -7.57
C ASP B 51 -20.45 -24.16 -6.54
N PRO B 52 -20.65 -23.83 -5.25
CA PRO B 52 -20.53 -24.89 -4.25
C PRO B 52 -21.52 -26.02 -4.41
N ALA B 53 -22.69 -25.74 -5.00
CA ALA B 53 -23.73 -26.77 -5.25
C ALA B 53 -23.25 -27.83 -6.22
N SER B 54 -22.58 -27.37 -7.29
CA SER B 54 -22.17 -28.21 -8.41
C SER B 54 -20.74 -28.70 -8.29
N GLY B 55 -19.88 -27.87 -7.73
CA GLY B 55 -18.46 -28.09 -7.80
C GLY B 55 -17.84 -27.40 -9.00
N ASP B 56 -18.68 -26.81 -9.86
CA ASP B 56 -18.29 -26.23 -11.16
C ASP B 56 -17.51 -24.94 -11.00
N THR B 57 -16.28 -24.95 -11.50
CA THR B 57 -15.39 -23.80 -11.43
C THR B 57 -15.15 -23.20 -12.83
N LYS B 58 -14.96 -21.90 -12.90
CA LYS B 58 -14.39 -21.24 -14.07
C LYS B 58 -13.17 -20.46 -13.61
N TYR B 59 -12.14 -20.37 -14.43
CA TYR B 59 -10.93 -19.58 -14.09
C TYR B 59 -10.56 -18.53 -15.14
N ASP B 60 -9.68 -17.64 -14.74
CA ASP B 60 -8.96 -16.80 -15.70
C ASP B 60 -7.77 -17.62 -16.21
N PRO B 61 -7.51 -17.59 -17.52
CA PRO B 61 -6.34 -18.32 -18.05
C PRO B 61 -5.04 -18.05 -17.27
N LYS B 62 -4.72 -16.79 -17.03
CA LYS B 62 -3.63 -16.43 -16.11
C LYS B 62 -3.50 -17.46 -15.00
N PHE B 63 -4.63 -17.79 -14.38
CA PHE B 63 -4.64 -18.55 -13.14
C PHE B 63 -5.06 -19.99 -13.26
N GLN B 64 -5.60 -20.40 -14.41
CA GLN B 64 -6.12 -21.77 -14.55
C GLN B 64 -5.06 -22.78 -14.15
N VAL B 65 -3.86 -22.62 -14.70
CA VAL B 65 -2.84 -23.65 -14.66
C VAL B 65 -2.49 -24.03 -13.24
N ARG B 66 -2.36 -23.03 -12.37
CA ARG B 66 -1.68 -23.24 -11.10
C ARG B 66 -2.60 -23.08 -9.87
N VAL B 67 -3.82 -22.61 -10.07
CA VAL B 67 -4.74 -22.36 -8.98
C VAL B 67 -5.88 -23.37 -8.99
N THR B 68 -6.21 -23.99 -7.86
CA THR B 68 -7.43 -24.80 -7.81
C THR B 68 -8.32 -24.29 -6.69
N ILE B 69 -9.59 -24.03 -7.05
CA ILE B 69 -10.60 -23.57 -6.11
C ILE B 69 -11.55 -24.74 -5.89
N THR B 70 -11.84 -24.99 -4.62
CA THR B 70 -12.78 -26.04 -4.24
C THR B 70 -13.61 -25.50 -3.09
N ALA B 71 -14.71 -26.20 -2.78
CA ALA B 71 -15.65 -25.74 -1.78
C ALA B 71 -16.22 -26.93 -1.03
N ASP B 72 -16.38 -26.79 0.29
CA ASP B 72 -16.87 -27.87 1.08
C ASP B 72 -18.18 -27.47 1.79
N THR B 73 -19.29 -27.96 1.25
CA THR B 73 -20.59 -27.54 1.72
C THR B 73 -20.88 -28.02 3.12
N SER B 74 -20.11 -28.99 3.60
CA SER B 74 -20.30 -29.55 4.95
C SER B 74 -19.79 -28.63 6.05
N THR B 75 -18.83 -27.79 5.70
CA THR B 75 -18.24 -26.85 6.64
C THR B 75 -18.53 -25.42 6.19
N ASP B 76 -19.29 -25.28 5.08
CA ASP B 76 -19.63 -23.98 4.47
C ASP B 76 -18.38 -23.14 4.30
N THR B 77 -17.29 -23.76 3.88
CA THR B 77 -16.09 -23.02 3.63
C THR B 77 -15.54 -23.39 2.27
N ALA B 78 -14.95 -22.38 1.63
CA ALA B 78 -14.40 -22.43 0.29
C ALA B 78 -12.92 -22.17 0.41
N TYR B 79 -12.14 -22.93 -0.37
CA TYR B 79 -10.68 -23.00 -0.25
C TYR B 79 -10.08 -22.49 -1.54
N MET B 80 -8.84 -22.02 -1.51
CA MET B 80 -8.12 -21.71 -2.75
C MET B 80 -6.67 -22.19 -2.64
N GLU B 81 -6.22 -22.95 -3.64
CA GLU B 81 -4.90 -23.52 -3.59
C GLU B 81 -4.02 -23.14 -4.80
N LEU B 82 -2.91 -22.44 -4.54
CA LEU B 82 -1.85 -22.27 -5.53
C LEU B 82 -0.74 -23.24 -5.28
N SER B 83 -0.26 -23.84 -6.35
CA SER B 83 0.87 -24.74 -6.26
C SER B 83 2.06 -23.97 -6.80
N SER B 84 3.25 -24.57 -6.74
CA SER B 84 4.43 -24.04 -7.43
C SER B 84 4.58 -22.53 -7.16
N LEU B 85 4.67 -22.20 -5.87
CA LEU B 85 4.77 -20.81 -5.44
C LEU B 85 6.05 -20.12 -5.95
N ARG B 86 6.02 -18.79 -5.85
CA ARG B 86 6.82 -17.93 -6.69
C ARG B 86 6.73 -16.54 -6.07
N SER B 87 7.81 -15.75 -6.08
CA SER B 87 7.83 -14.49 -5.30
C SER B 87 6.74 -13.52 -5.75
N GLU B 88 6.44 -13.57 -7.05
CA GLU B 88 5.42 -12.75 -7.68
C GLU B 88 3.98 -13.19 -7.31
N ASP B 89 3.85 -14.30 -6.59
CA ASP B 89 2.54 -14.70 -6.07
C ASP B 89 2.21 -13.99 -4.77
N THR B 90 3.16 -13.20 -4.28
CA THR B 90 2.98 -12.46 -3.06
C THR B 90 1.97 -11.41 -3.38
N ALA B 91 0.87 -11.47 -2.64
CA ALA B 91 -0.33 -10.68 -2.86
C ALA B 91 -1.35 -10.95 -1.73
N VAL B 92 -2.39 -10.12 -1.64
CA VAL B 92 -3.48 -10.45 -0.72
C VAL B 92 -4.58 -11.14 -1.52
N TYR B 93 -5.10 -12.24 -0.96
CA TYR B 93 -6.09 -13.07 -1.60
C TYR B 93 -7.43 -12.86 -0.89
N TYR B 94 -8.47 -12.59 -1.67
CA TYR B 94 -9.80 -12.35 -1.14
C TYR B 94 -10.80 -13.41 -1.65
N CYS B 95 -11.62 -14.00 -0.76
CA CYS B 95 -12.86 -14.63 -1.23
C CYS B 95 -13.91 -13.52 -1.19
N ALA B 96 -14.86 -13.61 -2.10
CA ALA B 96 -15.94 -12.64 -2.19
C ALA B 96 -17.20 -13.41 -2.62
N THR B 97 -18.35 -12.73 -2.64
CA THR B 97 -19.61 -13.36 -3.01
C THR B 97 -20.67 -12.30 -3.20
N GLY B 98 -21.74 -12.62 -3.90
CA GLY B 98 -22.91 -11.75 -3.96
C GLY B 98 -24.18 -12.50 -3.55
N MET B 99 -24.92 -12.00 -2.57
CA MET B 99 -26.29 -12.54 -2.36
C MET B 99 -27.34 -11.57 -1.83
N TRP B 100 -27.08 -10.27 -1.89
CA TRP B 100 -28.17 -9.32 -1.72
C TRP B 100 -28.21 -8.30 -2.85
N VAL B 101 -27.52 -8.63 -3.97
CA VAL B 101 -27.52 -7.84 -5.21
C VAL B 101 -28.93 -7.78 -5.81
N SER B 102 -29.48 -8.95 -6.16
CA SER B 102 -30.82 -9.07 -6.74
C SER B 102 -30.85 -8.87 -8.26
N THR B 103 -29.68 -8.82 -8.91
CA THR B 103 -29.60 -8.76 -10.38
C THR B 103 -28.14 -8.65 -10.86
N GLY B 104 -27.37 -9.74 -10.73
CA GLY B 104 -26.03 -9.81 -11.29
C GLY B 104 -25.06 -10.61 -10.45
N TYR B 105 -23.88 -10.90 -11.02
CA TYR B 105 -22.80 -11.60 -10.28
C TYR B 105 -21.83 -10.63 -9.59
N ALA B 106 -22.31 -9.44 -9.22
CA ALA B 106 -21.50 -8.46 -8.53
C ALA B 106 -21.39 -8.88 -7.07
N LEU B 107 -20.24 -8.60 -6.47
CA LEU B 107 -19.88 -9.12 -5.16
C LEU B 107 -20.11 -8.08 -4.05
N ASP B 108 -21.16 -8.24 -3.26
CA ASP B 108 -21.41 -7.34 -2.13
C ASP B 108 -20.68 -7.74 -0.83
N PHE B 109 -20.09 -8.91 -0.77
CA PHE B 109 -19.49 -9.36 0.48
C PHE B 109 -18.09 -9.95 0.32
N TRP B 110 -17.13 -9.38 1.05
CA TRP B 110 -15.71 -9.72 0.94
C TRP B 110 -15.11 -10.12 2.30
N GLY B 111 -14.04 -10.91 2.28
CA GLY B 111 -13.28 -11.33 3.50
C GLY B 111 -12.24 -10.30 3.92
N GLN B 112 -11.49 -10.55 5.00
CA GLN B 112 -10.42 -9.62 5.46
C GLN B 112 -9.41 -9.43 4.38
N GLY B 113 -9.05 -10.52 3.72
CA GLY B 113 -7.82 -10.59 2.96
C GLY B 113 -6.97 -11.64 3.63
N THR B 114 -6.10 -12.28 2.86
CA THR B 114 -5.20 -13.25 3.41
C THR B 114 -3.89 -13.03 2.68
N LEU B 115 -2.86 -12.63 3.44
CA LEU B 115 -1.58 -12.27 2.82
C LEU B 115 -0.71 -13.51 2.66
N VAL B 116 -0.33 -13.79 1.43
CA VAL B 116 0.66 -14.83 1.14
C VAL B 116 1.96 -14.14 0.70
N THR B 117 3.06 -14.50 1.37
CA THR B 117 4.40 -14.06 1.01
C THR B 117 5.17 -15.29 0.58
N VAL B 118 5.87 -15.17 -0.55
CA VAL B 118 6.77 -16.21 -1.00
C VAL B 118 8.20 -15.66 -1.00
N SER B 119 9.05 -16.32 -0.21
CA SER B 119 10.41 -15.88 -0.01
C SER B 119 11.30 -17.03 0.46
N SER B 120 12.57 -16.98 0.09
CA SER B 120 13.52 -17.96 0.58
C SER B 120 14.09 -17.46 1.89
N ALA B 121 13.74 -16.24 2.26
CA ALA B 121 14.35 -15.59 3.41
C ALA B 121 13.84 -16.26 4.66
N SER B 122 14.69 -16.25 5.69
CA SER B 122 14.38 -16.85 7.00
C SER B 122 13.85 -15.79 7.94
N THR B 123 13.06 -16.22 8.93
CA THR B 123 12.55 -15.34 9.97
C THR B 123 13.69 -14.66 10.68
N LYS B 124 13.58 -13.34 10.82
CA LYS B 124 14.65 -12.50 11.36
C LYS B 124 14.14 -11.14 11.87
N GLY B 125 14.45 -10.85 13.15
CA GLY B 125 14.11 -9.57 13.76
C GLY B 125 14.93 -8.40 13.20
N PRO B 126 14.41 -7.16 13.34
CA PRO B 126 15.06 -5.97 12.81
C PRO B 126 16.15 -5.44 13.70
N SER B 127 17.12 -4.78 13.10
CA SER B 127 18.11 -3.98 13.78
C SER B 127 17.64 -2.53 13.69
N VAL B 128 17.73 -1.80 14.79
CA VAL B 128 17.17 -0.44 14.83
C VAL B 128 18.25 0.61 15.01
N PHE B 129 18.24 1.60 14.13
CA PHE B 129 19.23 2.66 14.15
C PHE B 129 18.56 4.00 14.19
N PRO B 130 19.04 4.92 15.02
CA PRO B 130 18.45 6.25 15.14
C PRO B 130 18.80 7.17 13.97
N LEU B 131 17.76 7.79 13.41
CA LEU B 131 17.89 8.91 12.45
C LEU B 131 17.77 10.27 13.14
N ALA B 132 18.89 10.95 13.35
CA ALA B 132 18.89 12.33 13.84
C ALA B 132 19.74 13.20 12.91
N PRO B 133 19.53 14.53 12.89
CA PRO B 133 20.31 15.32 11.93
C PRO B 133 21.78 15.33 12.34
N SER B 134 22.65 15.98 11.58
CA SER B 134 24.05 16.07 12.00
C SER B 134 24.07 16.72 13.41
N SER B 135 24.50 17.97 13.52
CA SER B 135 24.08 18.84 14.64
C SER B 135 22.83 19.60 14.07
N LYS B 136 22.03 20.43 14.77
CA LYS B 136 21.84 20.68 16.26
C LYS B 136 21.23 22.11 16.39
N SER B 137 21.68 23.11 15.60
CA SER B 137 21.36 24.56 15.83
C SER B 137 19.86 24.97 15.91
N THR B 138 18.92 24.25 15.27
CA THR B 138 19.11 23.32 14.12
C THR B 138 18.27 23.83 12.95
N SER B 139 17.11 24.42 13.27
CA SER B 139 15.97 24.61 12.36
C SER B 139 15.60 26.12 12.19
N GLY B 140 14.55 26.70 12.80
CA GLY B 140 13.66 26.16 13.84
C GLY B 140 12.19 26.12 13.43
N GLY B 141 11.27 26.18 14.39
CA GLY B 141 11.48 25.64 15.73
C GLY B 141 10.89 24.26 15.58
N THR B 142 11.53 23.44 14.72
CA THR B 142 10.83 22.45 13.89
C THR B 142 11.37 21.04 13.61
N ALA B 143 12.63 20.74 13.95
CA ALA B 143 13.36 19.48 13.59
C ALA B 143 12.63 18.10 13.39
N ALA B 144 13.22 17.26 12.54
CA ALA B 144 12.77 15.87 12.30
C ALA B 144 13.74 14.86 12.92
N LEU B 145 13.19 13.86 13.60
CA LEU B 145 13.96 12.72 14.12
C LEU B 145 13.41 11.46 13.52
N GLY B 146 14.08 10.33 13.75
CA GLY B 146 13.48 9.05 13.39
C GLY B 146 14.20 7.76 13.74
N CYS B 147 13.88 6.72 12.99
CA CYS B 147 14.30 5.38 13.28
C CYS B 147 14.43 4.58 12.04
N LEU B 148 15.65 4.20 11.67
CA LEU B 148 15.80 3.26 10.59
C LEU B 148 15.57 1.85 11.12
N VAL B 149 14.53 1.18 10.61
CA VAL B 149 14.19 -0.17 11.03
C VAL B 149 14.50 -1.14 9.88
N LYS B 150 15.64 -1.81 9.98
CA LYS B 150 16.30 -2.40 8.81
C LYS B 150 16.54 -3.91 8.96
N ASP B 151 16.49 -4.63 7.83
CA ASP B 151 16.79 -6.06 7.73
C ASP B 151 15.92 -6.93 8.63
N TYR B 152 14.62 -6.98 8.36
CA TYR B 152 13.75 -7.93 9.07
C TYR B 152 12.85 -8.70 8.10
N PHE B 153 12.35 -9.84 8.58
CA PHE B 153 11.47 -10.68 7.76
C PHE B 153 10.75 -11.67 8.62
N PRO B 154 9.47 -11.91 8.34
CA PRO B 154 8.59 -11.32 7.35
C PRO B 154 7.98 -10.02 7.84
N GLU B 155 7.02 -9.48 7.11
CA GLU B 155 6.24 -8.39 7.65
C GLU B 155 5.22 -8.97 8.57
N PRO B 156 4.66 -8.18 9.49
CA PRO B 156 4.84 -6.75 9.72
C PRO B 156 5.58 -6.39 11.00
N VAL B 157 5.95 -5.13 11.10
CA VAL B 157 6.46 -4.52 12.32
C VAL B 157 5.44 -3.50 12.84
N THR B 158 5.42 -3.27 14.16
CA THR B 158 4.69 -2.14 14.75
C THR B 158 5.70 -1.14 15.28
N VAL B 159 5.69 0.08 14.73
CA VAL B 159 6.49 1.17 15.27
C VAL B 159 5.60 2.06 16.13
N SER B 160 6.13 2.57 17.23
CA SER B 160 5.45 3.62 17.99
C SER B 160 6.48 4.52 18.67
N TRP B 161 6.06 5.69 19.12
CA TRP B 161 6.95 6.57 19.84
C TRP B 161 6.49 6.81 21.27
N ASN B 162 7.44 6.77 22.20
CA ASN B 162 7.20 7.03 23.62
C ASN B 162 6.05 6.16 24.19
N SER B 163 6.11 4.87 23.86
CA SER B 163 5.08 3.90 24.22
C SER B 163 3.63 4.34 23.87
N GLY B 164 3.47 5.11 22.79
CA GLY B 164 2.15 5.59 22.36
C GLY B 164 1.86 7.06 22.68
N ALA B 165 2.56 7.61 23.67
CA ALA B 165 2.40 9.01 24.07
C ALA B 165 2.49 10.02 22.92
N LEU B 166 3.30 9.73 21.92
CA LEU B 166 3.56 10.65 20.82
C LEU B 166 2.97 10.07 19.52
N THR B 167 1.94 10.74 18.97
CA THR B 167 1.33 10.36 17.66
C THR B 167 1.35 11.45 16.57
N SER B 168 1.35 12.73 16.95
CA SER B 168 1.26 13.84 15.97
C SER B 168 2.56 14.05 15.28
N GLY B 169 2.48 14.21 13.96
CA GLY B 169 3.64 14.50 13.15
C GLY B 169 4.45 13.28 12.80
N VAL B 170 4.01 12.09 13.26
CA VAL B 170 4.78 10.85 13.03
C VAL B 170 4.30 10.17 11.76
N HIS B 171 5.23 9.78 10.91
CA HIS B 171 4.90 9.01 9.73
C HIS B 171 5.76 7.75 9.69
N THR B 172 5.13 6.58 9.65
CA THR B 172 5.87 5.35 9.51
C THR B 172 5.70 4.89 8.08
N PHE B 173 6.79 4.65 7.37
CA PHE B 173 6.71 4.42 5.91
C PHE B 173 6.40 3.00 5.53
N PRO B 174 5.60 2.84 4.47
CA PRO B 174 5.45 1.56 3.80
C PRO B 174 6.76 0.87 3.70
N ALA B 175 6.83 -0.31 4.29
CA ALA B 175 8.02 -1.15 4.24
C ALA B 175 8.46 -1.39 2.80
N VAL B 176 9.74 -1.64 2.66
CA VAL B 176 10.35 -1.82 1.35
C VAL B 176 11.24 -3.06 1.39
N LEU B 177 11.10 -3.90 0.36
CA LEU B 177 11.83 -5.16 0.29
C LEU B 177 13.12 -4.87 -0.47
N GLN B 178 14.23 -5.29 0.10
CA GLN B 178 15.55 -5.01 -0.49
C GLN B 178 16.07 -6.27 -1.23
N SER B 179 17.25 -6.17 -1.85
CA SER B 179 17.84 -7.34 -2.51
C SER B 179 18.24 -8.45 -1.53
N SER B 180 18.55 -8.06 -0.28
CA SER B 180 18.68 -9.00 0.85
C SER B 180 17.63 -10.06 0.68
N GLY B 181 16.41 -9.64 0.41
CA GLY B 181 15.22 -10.48 0.58
C GLY B 181 14.50 -10.12 1.86
N LEU B 182 14.97 -9.05 2.51
CA LEU B 182 14.57 -8.66 3.87
C LEU B 182 13.92 -7.29 3.78
N TYR B 183 13.11 -6.96 4.78
CA TYR B 183 12.39 -5.69 4.80
C TYR B 183 13.14 -4.59 5.59
N SER B 184 12.95 -3.36 5.13
CA SER B 184 13.55 -2.20 5.77
C SER B 184 12.59 -1.05 5.58
N LEU B 185 12.33 -0.33 6.65
CA LEU B 185 11.51 0.86 6.59
C LEU B 185 12.08 1.85 7.59
N SER B 186 11.47 3.02 7.69
CA SER B 186 11.79 3.91 8.76
C SER B 186 10.56 4.71 9.29
N SER B 187 10.68 5.22 10.50
CA SER B 187 9.63 5.96 11.15
C SER B 187 10.26 7.26 11.53
N VAL B 188 9.57 8.36 11.30
CA VAL B 188 10.11 9.68 11.57
C VAL B 188 9.09 10.50 12.32
N VAL B 189 9.54 11.58 12.96
CA VAL B 189 8.60 12.46 13.63
C VAL B 189 9.10 13.93 13.64
N THR B 190 8.21 14.81 13.22
CA THR B 190 8.38 16.24 13.35
C THR B 190 8.18 16.62 14.81
N VAL B 191 9.00 17.54 15.32
CA VAL B 191 8.86 18.02 16.69
C VAL B 191 9.29 19.47 16.77
N PRO B 192 8.87 20.18 17.83
CA PRO B 192 9.44 21.52 18.06
C PRO B 192 10.89 21.44 18.59
N SER B 193 11.80 22.18 17.98
CA SER B 193 13.23 22.03 18.28
C SER B 193 13.65 22.66 19.58
N SER B 194 12.99 23.73 20.01
CA SER B 194 13.27 24.32 21.34
C SER B 194 13.07 23.24 22.38
N SER B 195 12.04 22.42 22.16
CA SER B 195 11.77 21.23 22.95
C SER B 195 12.54 20.03 22.38
N LEU B 196 13.83 19.93 22.75
CA LEU B 196 14.81 18.99 22.15
C LEU B 196 16.21 19.41 22.63
N GLY B 197 16.94 18.58 23.37
CA GLY B 197 16.44 17.42 24.10
C GLY B 197 16.18 17.76 25.57
N THR B 198 15.19 18.62 25.81
CA THR B 198 14.50 18.69 27.08
C THR B 198 13.77 17.34 27.27
N GLN B 199 12.98 16.97 26.25
CA GLN B 199 12.26 15.68 26.17
C GLN B 199 13.12 14.67 25.47
N THR B 200 13.10 13.44 25.97
CA THR B 200 13.68 12.35 25.24
C THR B 200 12.61 11.78 24.32
N TYR B 201 13.08 11.31 23.16
CA TYR B 201 12.23 10.66 22.17
C TYR B 201 12.73 9.23 22.02
N ILE B 202 12.06 8.31 22.71
CA ILE B 202 12.32 6.89 22.53
C ILE B 202 11.37 6.36 21.45
N CYS B 203 11.73 5.25 20.83
CA CYS B 203 11.06 4.75 19.66
C CYS B 203 10.93 3.22 19.75
N ASN B 204 9.71 2.71 19.86
CA ASN B 204 9.51 1.30 20.23
C ASN B 204 9.11 0.49 19.01
N VAL B 205 9.89 -0.56 18.75
CA VAL B 205 9.70 -1.40 17.58
C VAL B 205 9.40 -2.85 17.99
N ASN B 206 8.39 -3.44 17.36
CA ASN B 206 7.85 -4.75 17.73
C ASN B 206 7.72 -5.65 16.50
N HIS B 207 8.44 -6.77 16.47
CA HIS B 207 8.34 -7.74 15.38
C HIS B 207 7.93 -9.12 15.92
N LYS B 208 6.62 -9.30 16.06
CA LYS B 208 6.03 -10.49 16.67
C LYS B 208 6.55 -11.82 16.14
N PRO B 209 6.70 -11.96 14.80
CA PRO B 209 7.23 -13.18 14.19
C PRO B 209 8.60 -13.63 14.69
N SER B 210 9.46 -12.73 15.13
CA SER B 210 10.74 -13.12 15.75
C SER B 210 10.81 -12.86 17.27
N ASN B 211 9.66 -12.70 17.92
CA ASN B 211 9.60 -12.24 19.31
C ASN B 211 10.67 -11.20 19.66
N THR B 212 10.41 -9.97 19.23
CA THR B 212 11.40 -8.92 19.32
C THR B 212 10.73 -7.59 19.57
N LYS B 213 10.83 -7.12 20.81
CA LYS B 213 10.58 -5.71 21.09
C LYS B 213 11.93 -5.06 21.39
N VAL B 214 12.18 -3.94 20.73
CA VAL B 214 13.42 -3.21 20.90
C VAL B 214 13.09 -1.74 21.06
N ASP B 215 14.08 -0.96 21.50
CA ASP B 215 13.87 0.43 21.88
C ASP B 215 15.07 1.32 21.60
N LYS B 216 14.85 2.45 20.93
CA LYS B 216 15.93 3.40 20.69
C LYS B 216 15.67 4.77 21.30
N LYS B 217 16.61 5.25 22.12
CA LYS B 217 16.63 6.64 22.48
C LYS B 217 17.29 7.30 21.29
N VAL B 218 16.66 8.33 20.75
CA VAL B 218 17.19 9.05 19.60
C VAL B 218 17.68 10.42 20.03
N GLU B 219 18.93 10.73 19.68
CA GLU B 219 19.61 11.95 20.13
C GLU B 219 20.66 12.36 19.08
N PRO B 220 20.80 13.67 18.78
CA PRO B 220 21.77 14.09 17.74
C PRO B 220 23.20 14.23 18.26
#